data_4YBG
#
_entry.id   4YBG
#
_cell.length_a   71.892
_cell.length_b   71.892
_cell.length_c   88.389
_cell.angle_alpha   90.00
_cell.angle_beta   90.00
_cell.angle_gamma   90.00
#
_symmetry.space_group_name_H-M   'P 43 21 2'
#
loop_
_entity.id
_entity.type
_entity.pdbx_description
1 polymer 'Protein maelstrom'
2 non-polymer 'ZINC ION'
3 non-polymer 'ACETATE ION'
4 non-polymer 1,2-ETHANEDIOL
5 water water
#
_entity_poly.entity_id   1
_entity_poly.type   'polypeptide(L)'
_entity_poly.pdbx_seq_one_letter_code
;GPLHMSLMDMKRTIERLVLNAKMSHDLENAKFVFVAFNYFTKALTTDVYVPAEFAACEYSLKEGIRSIYSTMIDPGQIIF
GQGSDALLHSSTTHDLPLPPNALGEKNMTKLYRNIVDYLSKCQGKGKTLVVFTPAENITMVKSCFRYLESDDDFRDGGEK
IQVFDIQYLLFILKKEVMNVADLNDEKINKFATDAFFKKDFFEFTAGIACQYHEDNDRTKYCTQSMVTRWAYTFTDFMCG
DLAITVQPGKHIPAQ
;
_entity_poly.pdbx_strand_id   A
#
loop_
_chem_comp.id
_chem_comp.type
_chem_comp.name
_chem_comp.formula
ACT non-polymer 'ACETATE ION' 'C2 H3 O2 -1'
EDO non-polymer 1,2-ETHANEDIOL 'C2 H6 O2'
ZN non-polymer 'ZINC ION' 'Zn 2'
#
# COMPACT_ATOMS: atom_id res chain seq x y z
N SER A 6 -10.03 -16.22 4.30
CA SER A 6 -10.55 -16.36 2.95
C SER A 6 -10.75 -14.96 2.38
N LEU A 7 -10.96 -14.88 1.06
CA LEU A 7 -11.24 -13.59 0.44
C LEU A 7 -12.62 -13.08 0.85
N MET A 8 -13.60 -13.97 0.94
CA MET A 8 -14.92 -13.55 1.42
C MET A 8 -14.84 -12.94 2.80
N ASP A 9 -14.05 -13.58 3.64
CA ASP A 9 -13.82 -13.16 5.01
C ASP A 9 -13.14 -11.77 5.04
N MET A 10 -12.06 -11.65 4.27
CA MET A 10 -11.37 -10.36 4.10
C MET A 10 -12.36 -9.27 3.74
N LYS A 11 -13.19 -9.55 2.74
CA LYS A 11 -14.15 -8.55 2.29
C LYS A 11 -15.13 -8.12 3.40
N ARG A 12 -15.71 -9.09 4.10
CA ARG A 12 -16.61 -8.78 5.19
C ARG A 12 -15.88 -7.98 6.30
N THR A 13 -14.60 -8.26 6.48
CA THR A 13 -13.82 -7.60 7.53
C THR A 13 -13.56 -6.15 7.18
N ILE A 14 -13.27 -5.90 5.91
CA ILE A 14 -13.07 -4.53 5.44
C ILE A 14 -14.37 -3.76 5.63
N GLU A 15 -15.50 -4.37 5.28
CA GLU A 15 -16.78 -3.67 5.41
C GLU A 15 -17.04 -3.32 6.85
N ARG A 16 -16.71 -4.24 7.76
CA ARG A 16 -16.94 -4.03 9.19
C ARG A 16 -16.02 -2.91 9.76
N LEU A 17 -14.77 -2.90 9.31
CA LEU A 17 -13.82 -1.85 9.69
C LEU A 17 -14.34 -0.45 9.33
N VAL A 18 -14.81 -0.31 8.10
CA VAL A 18 -15.25 0.98 7.64
C VAL A 18 -16.53 1.38 8.41
N LEU A 19 -17.43 0.41 8.62
CA LEU A 19 -18.70 0.70 9.28
C LEU A 19 -18.50 1.03 10.75
N ASN A 20 -17.49 0.44 11.37
CA ASN A 20 -17.14 0.78 12.75
C ASN A 20 -16.84 2.27 12.82
N ALA A 21 -16.04 2.73 11.86
CA ALA A 21 -15.62 4.12 11.84
C ALA A 21 -16.81 5.06 11.62
N LYS A 22 -17.68 4.71 10.67
CA LYS A 22 -18.83 5.53 10.33
C LYS A 22 -19.75 5.67 11.53
N MET A 23 -19.94 4.59 12.27
CA MET A 23 -20.85 4.56 13.40
C MET A 23 -20.35 5.35 14.59
N SER A 24 -19.03 5.47 14.68
CA SER A 24 -18.39 6.29 15.70
C SER A 24 -18.28 7.75 15.26
N HIS A 25 -18.79 8.04 14.07
CA HIS A 25 -18.74 9.39 13.46
C HIS A 25 -17.32 9.87 13.32
N ASP A 26 -16.46 8.95 12.90
CA ASP A 26 -15.06 9.28 12.74
C ASP A 26 -14.48 8.62 11.49
N LEU A 27 -15.31 8.49 10.46
CA LEU A 27 -14.88 7.92 9.19
C LEU A 27 -13.69 8.69 8.59
N GLU A 28 -13.73 10.01 8.69
CA GLU A 28 -12.64 10.79 8.09
C GLU A 28 -11.32 10.58 8.86
N ASN A 29 -11.41 10.11 10.11
CA ASN A 29 -10.18 9.87 10.84
C ASN A 29 -9.72 8.43 10.90
N ALA A 30 -10.47 7.53 10.26
CA ALA A 30 -10.02 6.15 10.16
C ALA A 30 -8.69 6.08 9.44
N LYS A 31 -7.73 5.34 10.00
CA LYS A 31 -6.40 5.31 9.43
C LYS A 31 -6.15 3.95 8.79
N PHE A 32 -5.55 3.99 7.62
CA PHE A 32 -5.33 2.78 6.85
C PHE A 32 -3.88 2.77 6.47
N VAL A 33 -3.27 1.59 6.55
CA VAL A 33 -1.88 1.49 6.11
C VAL A 33 -1.81 0.78 4.78
N PHE A 34 -1.20 1.45 3.80
CA PHE A 34 -1.01 0.94 2.42
C PHE A 34 0.41 0.39 2.37
N VAL A 35 0.61 -0.75 1.71
CA VAL A 35 1.98 -1.27 1.55
C VAL A 35 2.22 -1.64 0.10
N ALA A 36 3.49 -1.59 -0.32
CA ALA A 36 3.88 -2.00 -1.67
C ALA A 36 5.23 -2.69 -1.58
N PHE A 37 5.39 -3.82 -2.26
CA PHE A 37 6.70 -4.47 -2.45
C PHE A 37 7.06 -4.48 -3.91
N ASN A 38 8.36 -4.31 -4.19
CA ASN A 38 8.93 -4.78 -5.44
C ASN A 38 9.62 -6.10 -5.20
N TYR A 39 9.71 -6.95 -6.22
CA TYR A 39 10.46 -8.20 -6.06
C TYR A 39 11.47 -8.33 -7.20
N PHE A 40 12.57 -9.06 -6.97
CA PHE A 40 13.53 -9.28 -8.03
C PHE A 40 13.12 -10.42 -8.95
N THR A 41 12.69 -11.51 -8.33
CA THR A 41 12.30 -12.67 -9.11
C THR A 41 11.43 -13.55 -8.22
N LYS A 42 10.80 -14.53 -8.85
CA LYS A 42 9.96 -15.48 -8.14
C LYS A 42 10.55 -16.85 -8.37
N ALA A 43 10.73 -17.64 -7.30
CA ALA A 43 11.12 -19.04 -7.44
C ALA A 43 10.21 -19.78 -8.43
N LEU A 44 10.80 -20.63 -9.25
CA LEU A 44 10.08 -21.27 -10.35
C LEU A 44 8.92 -22.15 -9.85
N THR A 45 9.19 -22.96 -8.85
CA THR A 45 8.24 -23.98 -8.40
C THR A 45 7.52 -23.65 -7.09
N THR A 46 8.00 -22.65 -6.36
CA THR A 46 7.44 -22.37 -5.04
C THR A 46 6.96 -20.92 -4.93
N ASP A 47 6.17 -20.64 -3.89
CA ASP A 47 5.61 -19.31 -3.70
C ASP A 47 6.59 -18.37 -2.99
N VAL A 48 7.77 -18.22 -3.59
CA VAL A 48 8.82 -17.44 -2.97
C VAL A 48 9.16 -16.27 -3.87
N TYR A 49 8.67 -15.09 -3.51
CA TYR A 49 9.07 -13.87 -4.17
C TYR A 49 10.25 -13.26 -3.41
N VAL A 50 11.32 -12.90 -4.12
CA VAL A 50 12.50 -12.33 -3.49
C VAL A 50 12.38 -10.80 -3.47
N PRO A 51 12.25 -10.19 -2.29
CA PRO A 51 11.97 -8.75 -2.17
C PRO A 51 13.12 -7.84 -2.59
N ALA A 52 12.75 -6.70 -3.17
CA ALA A 52 13.68 -5.70 -3.69
C ALA A 52 13.46 -4.31 -3.13
N GLU A 53 12.22 -4.00 -2.74
CA GLU A 53 11.89 -2.66 -2.29
C GLU A 53 10.63 -2.72 -1.48
N PHE A 54 10.47 -1.85 -0.48
CA PHE A 54 9.23 -1.85 0.30
C PHE A 54 8.86 -0.43 0.66
N ALA A 55 7.56 -0.11 0.62
CA ALA A 55 7.13 1.13 1.26
C ALA A 55 5.83 0.89 1.93
N ALA A 56 5.54 1.72 2.93
CA ALA A 56 4.25 1.73 3.64
C ALA A 56 3.86 3.16 3.88
N CYS A 57 2.57 3.47 3.87
CA CYS A 57 2.19 4.78 4.39
C CYS A 57 0.91 4.65 5.19
N GLU A 58 0.73 5.58 6.13
CA GLU A 58 -0.51 5.63 6.89
C GLU A 58 -1.33 6.79 6.38
N TYR A 59 -2.61 6.53 6.12
CA TYR A 59 -3.50 7.45 5.42
C TYR A 59 -4.84 7.59 6.13
N SER A 60 -5.30 8.83 6.25
CA SER A 60 -6.70 9.04 6.58
C SER A 60 -7.27 10.11 5.63
N LEU A 61 -8.58 10.08 5.43
CA LEU A 61 -9.24 11.10 4.59
C LEU A 61 -8.97 12.51 5.16
N LYS A 62 -9.04 12.66 6.49
CA LYS A 62 -8.86 13.98 7.09
C LYS A 62 -7.45 14.53 6.98
N GLU A 63 -6.46 13.69 7.27
CA GLU A 63 -5.07 14.14 7.32
C GLU A 63 -4.28 13.81 6.06
N GLY A 64 -4.81 12.96 5.21
CA GLY A 64 -4.03 12.52 4.05
C GLY A 64 -2.92 11.59 4.50
N ILE A 65 -1.76 11.68 3.85
CA ILE A 65 -0.60 10.88 4.26
C ILE A 65 -0.06 11.40 5.60
N ARG A 66 -0.02 10.54 6.60
CA ARG A 66 0.46 10.91 7.94
C ARG A 66 1.92 10.51 8.13
N SER A 67 2.32 9.42 7.51
CA SER A 67 3.73 8.99 7.61
C SER A 67 4.05 8.08 6.45
N ILE A 68 5.34 7.96 6.12
CA ILE A 68 5.78 7.01 5.09
C ILE A 68 7.03 6.31 5.55
N TYR A 69 7.08 5.00 5.30
CA TYR A 69 8.25 4.18 5.56
C TYR A 69 8.72 3.64 4.21
N SER A 70 10.02 3.73 3.93
CA SER A 70 10.48 3.37 2.60
C SER A 70 11.93 2.89 2.62
N THR A 71 12.19 1.74 1.99
CA THR A 71 13.55 1.20 1.96
C THR A 71 13.78 0.30 0.74
N MET A 72 14.98 0.37 0.16
CA MET A 72 15.39 -0.68 -0.77
C MET A 72 15.83 -1.90 0.04
N ILE A 73 15.78 -3.06 -0.59
CA ILE A 73 16.05 -4.32 0.10
C ILE A 73 17.11 -5.09 -0.67
N ASP A 74 18.13 -5.55 0.04
CA ASP A 74 19.19 -6.35 -0.55
C ASP A 74 19.15 -7.76 0.03
N PRO A 75 18.51 -8.71 -0.68
CA PRO A 75 18.35 -10.07 -0.19
C PRO A 75 19.57 -10.98 -0.40
N GLY A 76 20.63 -10.45 -1.01
CA GLY A 76 21.80 -11.25 -1.33
C GLY A 76 21.61 -12.20 -2.50
N GLN A 77 20.39 -12.37 -3.01
CA GLN A 77 20.10 -13.48 -3.94
C GLN A 77 20.54 -14.81 -3.34
N ASP A 85 14.77 -14.47 -16.04
CA ASP A 85 13.54 -14.01 -15.40
C ASP A 85 13.80 -12.83 -14.48
N ALA A 86 14.79 -12.96 -13.60
CA ALA A 86 15.10 -11.90 -12.65
C ALA A 86 15.41 -10.62 -13.43
N LEU A 87 16.19 -10.79 -14.50
CA LEU A 87 16.59 -9.68 -15.32
C LEU A 87 15.40 -9.05 -16.05
N LEU A 88 14.53 -9.87 -16.62
CA LEU A 88 13.39 -9.37 -17.42
C LEU A 88 12.37 -8.60 -16.58
N HIS A 89 11.87 -9.23 -15.53
CA HIS A 89 10.94 -8.53 -14.66
C HIS A 89 11.57 -7.26 -14.10
N SER A 90 12.77 -7.39 -13.57
CA SER A 90 13.38 -6.24 -12.94
C SER A 90 13.72 -5.18 -13.98
N SER A 91 14.24 -5.53 -15.15
CA SER A 91 14.65 -4.51 -16.10
C SER A 91 13.46 -3.78 -16.71
N THR A 92 12.31 -4.43 -16.77
CA THR A 92 11.15 -3.77 -17.39
C THR A 92 10.32 -2.98 -16.37
N THR A 93 10.62 -3.10 -15.08
CA THR A 93 9.82 -2.40 -14.07
C THR A 93 10.67 -1.50 -13.19
N HIS A 94 11.00 -1.95 -11.99
CA HIS A 94 11.76 -1.09 -11.08
C HIS A 94 13.23 -0.84 -11.46
N ASP A 95 13.79 -1.75 -12.26
CA ASP A 95 15.22 -1.78 -12.66
C ASP A 95 16.20 -1.44 -11.52
N LEU A 96 15.91 -1.95 -10.32
CA LEU A 96 16.90 -1.97 -9.24
C LEU A 96 18.01 -2.93 -9.59
N PRO A 97 19.28 -2.59 -9.25
CA PRO A 97 20.38 -3.47 -9.60
C PRO A 97 20.26 -4.80 -8.88
N LEU A 98 20.57 -5.87 -9.60
CA LEU A 98 20.51 -7.20 -9.04
C LEU A 98 21.67 -7.50 -8.10
N PRO A 99 21.40 -8.33 -7.09
CA PRO A 99 22.48 -8.93 -6.30
C PRO A 99 23.51 -9.55 -7.24
N PRO A 100 24.80 -9.56 -6.88
CA PRO A 100 25.40 -9.10 -5.61
C PRO A 100 25.69 -7.60 -5.56
N ASN A 101 25.00 -6.85 -6.41
CA ASN A 101 25.17 -5.40 -6.41
C ASN A 101 23.86 -4.68 -6.08
N ALA A 102 22.98 -5.33 -5.32
CA ALA A 102 21.71 -4.69 -4.96
C ALA A 102 21.88 -3.65 -3.87
N LEU A 103 21.04 -2.63 -3.95
CA LEU A 103 21.00 -1.55 -3.00
C LEU A 103 20.16 -1.91 -1.80
N GLY A 104 20.39 -1.22 -0.69
CA GLY A 104 19.48 -1.32 0.41
C GLY A 104 19.87 -2.13 1.63
N GLU A 105 18.88 -2.33 2.49
CA GLU A 105 19.10 -3.06 3.74
C GLU A 105 19.38 -4.53 3.46
N LYS A 106 20.50 -5.05 3.96
CA LYS A 106 20.80 -6.47 3.72
C LYS A 106 20.53 -7.34 4.95
N ASN A 107 20.13 -6.76 6.08
CA ASN A 107 19.83 -7.55 7.27
C ASN A 107 18.34 -7.81 7.28
N MET A 108 17.93 -9.02 6.89
CA MET A 108 16.49 -9.28 6.67
C MET A 108 15.71 -9.32 7.97
N THR A 109 16.36 -9.82 9.01
CA THR A 109 15.73 -9.91 10.32
C THR A 109 15.44 -8.53 10.85
N LYS A 110 16.45 -7.65 10.76
CA LYS A 110 16.34 -6.26 11.16
C LYS A 110 15.27 -5.54 10.34
N LEU A 111 15.23 -5.77 9.04
CA LEU A 111 14.24 -5.17 8.15
C LEU A 111 12.85 -5.51 8.63
N TYR A 112 12.61 -6.79 8.86
CA TYR A 112 11.24 -7.21 9.26
C TYR A 112 10.83 -6.57 10.57
N ARG A 113 11.76 -6.57 11.53
CA ARG A 113 11.48 -5.98 12.81
C ARG A 113 11.18 -4.50 12.67
N ASN A 114 11.96 -3.82 11.83
CA ASN A 114 11.73 -2.39 11.58
C ASN A 114 10.37 -2.12 10.92
N ILE A 115 9.96 -3.01 10.01
CA ILE A 115 8.66 -2.83 9.36
C ILE A 115 7.55 -3.06 10.40
N VAL A 116 7.66 -4.11 11.21
CA VAL A 116 6.64 -4.37 12.22
C VAL A 116 6.58 -3.26 13.27
N ASP A 117 7.75 -2.70 13.62
CA ASP A 117 7.80 -1.58 14.54
C ASP A 117 6.97 -0.41 13.96
N TYR A 118 7.12 -0.18 12.67
CA TYR A 118 6.41 0.93 12.02
C TYR A 118 4.90 0.66 12.02
N LEU A 119 4.53 -0.55 11.62
CA LEU A 119 3.11 -0.90 11.61
C LEU A 119 2.52 -0.84 13.02
N SER A 120 3.29 -1.28 14.02
CA SER A 120 2.83 -1.29 15.40
C SER A 120 2.67 0.10 15.97
N LYS A 121 3.54 1.02 15.54
CA LYS A 121 3.40 2.41 15.96
C LYS A 121 2.12 3.00 15.39
N CYS A 122 1.78 2.60 14.17
CA CYS A 122 0.54 3.05 13.56
C CYS A 122 -0.69 2.42 14.23
N GLN A 123 -0.67 1.11 14.42
CA GLN A 123 -1.90 0.39 14.78
C GLN A 123 -1.97 -0.03 16.24
N GLY A 124 -0.84 0.00 16.94
CA GLY A 124 -0.85 -0.45 18.32
C GLY A 124 -0.16 -1.80 18.48
N LYS A 125 0.33 -2.07 19.68
CA LYS A 125 0.99 -3.35 19.93
C LYS A 125 -0.04 -4.38 20.41
N GLY A 126 0.32 -5.65 20.31
CA GLY A 126 -0.53 -6.72 20.80
C GLY A 126 -1.81 -6.88 19.99
N LYS A 127 -1.74 -6.55 18.70
CA LYS A 127 -2.87 -6.64 17.79
C LYS A 127 -2.43 -7.24 16.45
N THR A 128 -3.32 -8.01 15.81
CA THR A 128 -3.11 -8.34 14.40
C THR A 128 -3.00 -7.05 13.60
N LEU A 129 -1.98 -6.96 12.77
CA LEU A 129 -1.74 -5.79 11.92
C LEU A 129 -2.40 -6.00 10.58
N VAL A 130 -2.96 -4.91 10.04
CA VAL A 130 -3.73 -4.96 8.79
C VAL A 130 -3.12 -3.97 7.80
N VAL A 131 -2.80 -4.45 6.61
CA VAL A 131 -2.31 -3.53 5.57
C VAL A 131 -3.02 -3.77 4.28
N PHE A 132 -2.97 -2.79 3.38
CA PHE A 132 -3.67 -2.87 2.08
C PHE A 132 -2.76 -2.74 0.85
N THR A 133 -3.04 -3.53 -0.20
CA THR A 133 -2.22 -3.52 -1.40
C THR A 133 -3.15 -3.95 -2.54
N PRO A 134 -2.79 -3.68 -3.81
CA PRO A 134 -3.70 -4.09 -4.89
C PRO A 134 -3.96 -5.58 -4.88
N ALA A 135 -5.18 -5.97 -5.26
CA ALA A 135 -5.59 -7.37 -5.22
C ALA A 135 -4.57 -8.26 -5.94
N GLU A 136 -4.05 -7.77 -7.07
CA GLU A 136 -3.22 -8.58 -7.92
C GLU A 136 -1.83 -8.76 -7.31
N ASN A 137 -1.57 -8.00 -6.26
CA ASN A 137 -0.30 -8.06 -5.55
C ASN A 137 -0.35 -8.74 -4.18
N ILE A 138 -1.53 -9.16 -3.72
CA ILE A 138 -1.64 -9.72 -2.36
C ILE A 138 -0.75 -10.95 -2.17
N THR A 139 -0.76 -11.87 -3.13
CA THR A 139 0.01 -13.11 -2.98
C THR A 139 1.50 -12.80 -2.86
N MET A 140 1.94 -11.93 -3.74
CA MET A 140 3.33 -11.50 -3.74
C MET A 140 3.74 -10.79 -2.44
N VAL A 141 2.89 -9.88 -1.96
CA VAL A 141 3.20 -9.11 -0.75
C VAL A 141 3.27 -10.07 0.45
N LYS A 142 2.33 -11.01 0.53
CA LYS A 142 2.39 -11.99 1.62
C LYS A 142 3.68 -12.80 1.54
N SER A 143 4.07 -13.13 0.32
CA SER A 143 5.25 -13.96 0.13
C SER A 143 6.51 -13.21 0.55
N CYS A 144 6.58 -11.93 0.16
CA CYS A 144 7.67 -11.10 0.60
C CYS A 144 7.78 -10.93 2.12
N PHE A 145 6.64 -10.72 2.79
CA PHE A 145 6.63 -10.67 4.25
C PHE A 145 7.16 -12.00 4.82
N ARG A 146 6.73 -13.12 4.25
CA ARG A 146 7.21 -14.43 4.74
C ARG A 146 8.71 -14.61 4.54
N TYR A 147 9.23 -14.09 3.43
CA TYR A 147 10.66 -14.15 3.13
C TYR A 147 11.44 -13.45 4.25
N LEU A 148 10.86 -12.36 4.76
CA LEU A 148 11.42 -11.57 5.85
C LEU A 148 11.02 -12.17 7.22
N GLU A 149 10.11 -13.13 7.24
CA GLU A 149 9.78 -13.91 8.44
C GLU A 149 9.14 -13.08 9.55
N ASP A 152 11.22 -17.38 12.70
CA ASP A 152 10.11 -16.57 13.15
C ASP A 152 9.27 -17.27 14.24
N ASP A 153 9.01 -16.55 15.32
CA ASP A 153 7.83 -16.79 16.13
C ASP A 153 6.58 -16.62 15.25
N PHE A 154 6.67 -15.73 14.27
CA PHE A 154 5.57 -15.49 13.32
C PHE A 154 5.23 -16.72 12.46
N ARG A 155 6.27 -17.47 12.07
CA ARG A 155 6.11 -18.77 11.43
C ARG A 155 5.30 -19.73 12.30
N ASP A 156 5.81 -19.99 13.50
CA ASP A 156 5.18 -20.93 14.41
C ASP A 156 3.73 -20.54 14.70
N GLY A 157 3.48 -19.23 14.76
CA GLY A 157 2.16 -18.73 15.11
C GLY A 157 1.18 -18.87 13.97
N LYS A 160 0.25 -12.93 11.05
CA LYS A 160 0.48 -11.79 11.94
C LYS A 160 0.16 -10.48 11.22
N ILE A 161 0.58 -10.38 9.96
CA ILE A 161 0.22 -9.21 9.17
C ILE A 161 -0.82 -9.66 8.16
N GLN A 162 -2.03 -9.09 8.25
CA GLN A 162 -3.07 -9.41 7.28
C GLN A 162 -2.95 -8.48 6.09
N VAL A 163 -2.97 -9.05 4.90
CA VAL A 163 -2.78 -8.29 3.68
C VAL A 163 -4.08 -8.29 2.91
N PHE A 164 -4.68 -7.12 2.87
CA PHE A 164 -6.02 -6.95 2.35
C PHE A 164 -6.02 -6.19 1.05
N ASP A 165 -7.15 -6.23 0.34
CA ASP A 165 -7.30 -5.62 -0.99
C ASP A 165 -7.59 -4.12 -0.92
N ILE A 166 -6.63 -3.30 -1.30
CA ILE A 166 -6.84 -1.84 -1.28
C ILE A 166 -7.96 -1.41 -2.21
N GLN A 167 -8.27 -2.18 -3.27
CA GLN A 167 -9.30 -1.79 -4.22
C GLN A 167 -10.64 -2.07 -3.59
N TYR A 168 -10.74 -3.12 -2.78
CA TYR A 168 -12.01 -3.38 -2.08
C TYR A 168 -12.20 -2.31 -1.01
N LEU A 169 -11.11 -1.92 -0.35
CA LEU A 169 -11.19 -0.82 0.62
C LEU A 169 -11.71 0.47 -0.04
N LEU A 170 -11.13 0.82 -1.18
CA LEU A 170 -11.55 2.01 -1.91
C LEU A 170 -13.05 1.95 -2.19
N PHE A 171 -13.51 0.80 -2.64
CA PHE A 171 -14.95 0.64 -2.94
C PHE A 171 -15.83 0.86 -1.73
N ILE A 172 -15.54 0.15 -0.66
CA ILE A 172 -16.35 0.25 0.54
C ILE A 172 -16.26 1.67 1.14
N LEU A 173 -15.05 2.21 1.19
CA LEU A 173 -14.86 3.55 1.72
C LEU A 173 -15.63 4.59 0.89
N LYS A 174 -15.55 4.50 -0.44
CA LYS A 174 -16.28 5.44 -1.27
C LYS A 174 -17.78 5.35 -1.01
N LYS A 175 -18.31 4.14 -0.86
CA LYS A 175 -19.76 4.01 -0.70
C LYS A 175 -20.19 4.56 0.65
N GLU A 176 -19.36 4.34 1.68
CA GLU A 176 -19.75 4.82 3.00
C GLU A 176 -19.57 6.32 3.16
N VAL A 177 -18.54 6.87 2.50
CA VAL A 177 -18.40 8.31 2.41
C VAL A 177 -19.63 8.92 1.76
N MET A 178 -20.07 8.35 0.65
CA MET A 178 -21.23 8.90 -0.05
C MET A 178 -22.50 8.76 0.78
N ASN A 179 -22.62 7.67 1.53
CA ASN A 179 -23.76 7.54 2.47
C ASN A 179 -23.73 8.67 3.49
N VAL A 180 -22.56 8.90 4.08
CA VAL A 180 -22.38 9.96 5.05
C VAL A 180 -22.71 11.32 4.46
N ALA A 181 -22.31 11.53 3.21
CA ALA A 181 -22.53 12.83 2.55
C ALA A 181 -23.93 12.95 1.97
N ASP A 182 -24.76 11.95 2.22
CA ASP A 182 -26.13 11.92 1.70
C ASP A 182 -26.09 11.98 0.17
N LEU A 183 -25.14 11.25 -0.39
CA LEU A 183 -24.88 11.23 -1.83
C LEU A 183 -25.00 9.85 -2.45
N ASN A 184 -25.68 8.92 -1.78
CA ASN A 184 -25.80 7.56 -2.30
C ASN A 184 -26.18 7.48 -3.78
N ASP A 185 -25.49 6.59 -4.50
CA ASP A 185 -25.60 6.49 -5.94
C ASP A 185 -25.53 5.02 -6.35
N GLU A 186 -26.69 4.45 -6.66
CA GLU A 186 -26.79 3.05 -7.06
C GLU A 186 -25.91 2.73 -8.27
N LYS A 187 -25.49 3.77 -8.99
CA LYS A 187 -24.73 3.59 -10.23
C LYS A 187 -23.23 3.48 -9.99
N ILE A 188 -22.77 3.81 -8.77
CA ILE A 188 -21.38 3.60 -8.40
C ILE A 188 -21.15 2.20 -7.83
N ASN A 189 -20.41 1.37 -8.57
CA ASN A 189 -20.18 0.00 -8.17
C ASN A 189 -18.68 -0.26 -8.19
N LYS A 190 -18.25 -1.50 -7.96
CA LYS A 190 -16.79 -1.67 -7.84
C LYS A 190 -16.08 -1.59 -9.20
N PHE A 191 -16.77 -1.83 -10.32
CA PHE A 191 -16.15 -1.67 -11.64
C PHE A 191 -15.64 -0.25 -11.77
N ALA A 192 -16.45 0.68 -11.29
CA ALA A 192 -16.15 2.09 -11.41
C ALA A 192 -15.00 2.50 -10.50
N THR A 193 -15.01 2.00 -9.27
CA THR A 193 -13.97 2.40 -8.34
C THR A 193 -12.65 1.75 -8.76
N ASP A 194 -12.70 0.48 -9.17
CA ASP A 194 -11.51 -0.14 -9.73
C ASP A 194 -10.93 0.64 -10.89
N ALA A 195 -11.79 1.10 -11.81
CA ALA A 195 -11.40 1.89 -12.97
C ALA A 195 -10.65 3.15 -12.52
N PHE A 196 -11.18 3.80 -11.49
CA PHE A 196 -10.60 5.06 -11.02
C PHE A 196 -9.23 4.81 -10.42
N PHE A 197 -9.12 3.74 -9.63
CA PHE A 197 -7.85 3.37 -9.05
C PHE A 197 -6.81 3.04 -10.12
N LYS A 198 -7.19 2.26 -11.12
CA LYS A 198 -6.23 1.83 -12.13
C LYS A 198 -5.81 2.97 -13.05
N LYS A 199 -6.62 4.04 -13.14
CA LYS A 199 -6.23 5.18 -13.97
C LYS A 199 -4.90 5.77 -13.52
N ASP A 200 -4.61 5.68 -12.23
CA ASP A 200 -3.34 6.19 -11.68
C ASP A 200 -3.13 7.64 -12.10
N PHE A 201 -4.07 8.49 -11.71
CA PHE A 201 -4.07 9.88 -12.16
C PHE A 201 -2.88 10.68 -11.62
N PHE A 202 -2.18 10.16 -10.62
CA PHE A 202 -1.07 10.94 -10.05
C PHE A 202 0.26 10.29 -10.37
N GLU A 203 0.26 9.44 -11.39
CA GLU A 203 1.47 8.78 -11.87
C GLU A 203 2.65 9.73 -12.11
N PHE A 204 2.35 10.91 -12.63
CA PHE A 204 3.40 11.82 -13.15
C PHE A 204 3.77 12.94 -12.19
N THR A 205 3.34 12.80 -10.94
CA THR A 205 3.77 13.68 -9.85
C THR A 205 5.28 13.66 -9.66
N ALA A 206 5.88 14.84 -9.67
CA ALA A 206 7.32 14.97 -9.43
C ALA A 206 7.65 14.77 -7.94
N GLY A 207 8.80 14.16 -7.64
CA GLY A 207 9.34 14.21 -6.30
C GLY A 207 8.75 13.26 -5.25
N ILE A 208 8.04 12.22 -5.66
CA ILE A 208 7.45 11.32 -4.67
C ILE A 208 8.12 9.94 -4.66
N ALA A 209 9.02 9.70 -5.60
CA ALA A 209 9.76 8.44 -5.59
C ALA A 209 10.97 8.52 -4.68
N CYS A 210 11.60 7.37 -4.48
CA CYS A 210 12.87 7.37 -3.73
C CYS A 210 13.94 7.97 -4.61
N GLN A 211 15.12 8.25 -4.06
CA GLN A 211 16.16 8.93 -4.84
C GLN A 211 16.64 8.07 -6.01
N TYR A 212 16.80 6.77 -5.79
CA TYR A 212 17.25 5.94 -6.89
C TYR A 212 16.27 6.00 -8.06
N HIS A 213 14.99 5.95 -7.73
CA HIS A 213 14.00 5.89 -8.79
C HIS A 213 13.77 7.23 -9.43
N GLU A 214 14.06 8.31 -8.73
CA GLU A 214 14.19 9.58 -9.45
C GLU A 214 15.41 9.54 -10.40
N ASP A 215 16.51 8.95 -9.95
CA ASP A 215 17.72 8.92 -10.78
C ASP A 215 17.48 8.13 -12.08
N ASN A 216 16.81 6.99 -11.98
CA ASN A 216 16.74 6.08 -13.13
C ASN A 216 15.39 6.21 -13.87
N ASP A 217 14.57 7.15 -13.43
CA ASP A 217 13.28 7.48 -14.05
C ASP A 217 12.30 6.31 -14.14
N ARG A 218 12.39 5.40 -13.18
CA ARG A 218 11.39 4.36 -13.10
C ARG A 218 10.44 4.63 -11.92
N THR A 219 9.99 5.87 -11.80
CA THR A 219 9.15 6.22 -10.65
CA THR A 219 9.12 6.26 -10.69
C THR A 219 7.79 5.48 -10.67
N LYS A 220 7.35 5.06 -11.84
CA LYS A 220 6.08 4.33 -11.91
C LYS A 220 6.11 3.06 -11.06
N TYR A 221 7.28 2.48 -11.03
CA TYR A 221 7.51 1.20 -10.36
C TYR A 221 8.29 1.34 -9.09
N CYS A 222 8.19 2.50 -8.45
CA CYS A 222 8.88 2.70 -7.15
C CYS A 222 7.89 2.49 -6.03
N THR A 223 8.18 1.67 -5.02
CA THR A 223 7.19 1.42 -3.98
C THR A 223 6.78 2.68 -3.24
N GLN A 224 7.73 3.59 -3.04
CA GLN A 224 7.45 4.81 -2.29
C GLN A 224 6.51 5.68 -3.10
N SER A 225 6.77 5.76 -4.40
CA SER A 225 5.84 6.51 -5.27
C SER A 225 4.44 5.84 -5.28
N MET A 226 4.41 4.51 -5.41
CA MET A 226 3.13 3.82 -5.51
CA MET A 226 3.15 3.75 -5.42
C MET A 226 2.22 4.07 -4.28
N VAL A 227 2.71 3.93 -3.05
CA VAL A 227 1.83 4.08 -1.92
C VAL A 227 1.39 5.56 -1.83
N THR A 228 2.23 6.49 -2.26
CA THR A 228 1.87 7.93 -2.28
C THR A 228 0.78 8.21 -3.30
N ARG A 229 0.93 7.67 -4.52
CA ARG A 229 -0.13 7.77 -5.56
C ARG A 229 -1.45 7.18 -5.11
N TRP A 230 -1.42 6.11 -4.33
CA TRP A 230 -2.70 5.49 -3.91
C TRP A 230 -3.38 6.41 -2.94
N ALA A 231 -2.61 7.04 -2.08
CA ALA A 231 -3.14 8.04 -1.16
C ALA A 231 -3.77 9.20 -1.93
N TYR A 232 -3.05 9.73 -2.93
CA TYR A 232 -3.60 10.86 -3.70
C TYR A 232 -4.88 10.40 -4.42
N THR A 233 -4.89 9.15 -4.88
CA THR A 233 -6.09 8.61 -5.52
C THR A 233 -7.29 8.55 -4.59
N PHE A 234 -7.10 8.05 -3.37
CA PHE A 234 -8.16 8.06 -2.37
C PHE A 234 -8.68 9.49 -2.16
N THR A 235 -7.76 10.44 -1.99
CA THR A 235 -8.18 11.82 -1.74
C THR A 235 -9.00 12.37 -2.91
N ASP A 236 -8.47 12.23 -4.12
CA ASP A 236 -9.17 12.73 -5.30
C ASP A 236 -10.56 12.12 -5.49
N PHE A 237 -10.72 10.85 -5.13
CA PHE A 237 -11.98 10.14 -5.36
C PHE A 237 -13.06 10.50 -4.35
N MET A 238 -12.63 10.86 -3.13
CA MET A 238 -13.55 10.99 -2.01
C MET A 238 -13.57 12.28 -1.21
N CYS A 239 -12.44 12.98 -1.11
CA CYS A 239 -12.41 14.13 -0.19
C CYS A 239 -13.34 15.24 -0.67
N GLY A 240 -13.69 15.21 -1.94
CA GLY A 240 -14.64 16.17 -2.51
C GLY A 240 -16.06 16.00 -1.98
N ASP A 241 -16.42 14.77 -1.60
CA ASP A 241 -17.72 14.46 -1.00
C ASP A 241 -17.84 14.96 0.45
N LEU A 242 -16.72 15.38 1.04
CA LEU A 242 -16.65 15.50 2.49
C LEU A 242 -16.33 16.87 3.06
N ALA A 243 -16.01 17.84 2.19
CA ALA A 243 -15.80 19.22 2.64
C ALA A 243 -14.57 19.27 3.52
N ILE A 244 -13.60 18.46 3.13
CA ILE A 244 -12.30 18.38 3.79
C ILE A 244 -11.35 19.29 3.03
N THR A 245 -10.64 20.15 3.77
CA THR A 245 -9.63 20.99 3.15
C THR A 245 -8.45 20.11 2.80
N VAL A 246 -8.15 20.02 1.51
CA VAL A 246 -7.01 19.22 1.09
C VAL A 246 -5.70 19.99 1.29
N GLN A 247 -4.70 19.28 1.80
CA GLN A 247 -3.41 19.87 2.12
C GLN A 247 -2.35 19.45 1.12
N PRO A 248 -1.58 20.40 0.58
CA PRO A 248 -0.49 20.08 -0.34
C PRO A 248 0.53 19.14 0.30
N GLY A 249 0.95 18.11 -0.43
CA GLY A 249 1.88 17.14 0.10
C GLY A 249 1.10 15.96 0.67
N LYS A 250 0.22 16.29 1.63
CA LYS A 250 -0.48 15.29 2.43
C LYS A 250 -1.66 14.68 1.69
N HIS A 251 -2.48 15.52 1.06
CA HIS A 251 -3.66 15.03 0.31
C HIS A 251 -3.44 15.00 -1.18
N ILE A 252 -2.70 15.98 -1.66
CA ILE A 252 -2.49 16.22 -3.08
C ILE A 252 -1.01 16.55 -3.29
N PRO A 253 -0.51 16.43 -4.53
CA PRO A 253 0.89 16.78 -4.82
C PRO A 253 1.35 18.12 -4.30
N ALA A 254 2.54 18.15 -3.71
CA ALA A 254 3.12 19.39 -3.19
C ALA A 254 3.42 20.39 -4.31
ZN ZN B . 12.05 3.51 -5.30
C ACT C . -1.65 1.93 -9.35
O ACT C . -2.06 3.08 -9.05
OXT ACT C . -0.44 1.69 -9.08
CH3 ACT C . -2.53 0.92 -10.00
C1 EDO D . -18.52 10.66 9.25
O1 EDO D . -18.12 9.63 10.15
C2 EDO D . -17.63 11.88 9.48
O2 EDO D . -16.25 11.55 9.29
#